data_3VLU
#
_entry.id   3VLU
#
_cell.length_a   58.472
_cell.length_b   67.520
_cell.length_c   61.663
_cell.angle_alpha   90.00
_cell.angle_beta   94.58
_cell.angle_gamma   90.00
#
_symmetry.space_group_name_H-M   'P 1 21 1'
#
loop_
_entity.id
_entity.type
_entity.pdbx_description
1 polymer AlgQ1
2 branched 'beta-D-mannopyranuronic acid-(1-4)-beta-D-mannopyranuronic acid-(1-4)-beta-D-mannopyranuronic acid'
3 non-polymer 'CALCIUM ION'
4 water water
#
_entity_poly.entity_id   1
_entity_poly.type   'polypeptide(L)'
_entity_poly.pdbx_seq_one_letter_code
;REATWVTEKPLTLKIHMHFRDKWVWDENWPVAREVARLTNVKLVGVANRAATNSQEQFNLMMASGQLPDIVGGDNLKDKF
IRYGMEGAFIPLNKLIDQNAPNLKAFFKTHPEVQRAITAPDGNIYYLPYVPDGLVSRGYFIRQDWLDKLHLKTPQTVDEL
YTVLKAFKEKDPNGNGKADEIPFINRDPEEVFRLVNFWGARSTGSNTWMDFYVENGKIKHPFAEVAFKDGIKHVAQWYKE
GLIDPEIFTRKARSREQTFGNNIGGMTHDWFASTALFNDALSKNIPGFKLVPMAPPINSKGQRWEEDARQIPRPDGWAIT
ATNKNPVETIKLFDFYFGPKGRELSNFGVPGLTYDIKNGKPVYKDTVLKAAQPVNNQMYDIGAQIPIGFWQDYEYERQWT
NDVALQGIDMYIKNKYVLPQFTGVNLTVEEREIYDKYWPDVKTYMFEMGQSWVMGTKDPEKTWNDYQQQLKNRGFYQVMI
VMQKAYDRQYGGAAKPAQVGAK
;
_entity_poly.pdbx_strand_id   A
#
# COMPACT_ATOMS: atom_id res chain seq x y z
N ARG A 1 -29.32 -16.25 -19.28
CA ARG A 1 -29.49 -16.05 -17.81
C ARG A 1 -28.52 -16.93 -17.02
N GLU A 2 -27.96 -16.36 -15.95
CA GLU A 2 -27.08 -17.10 -15.04
C GLU A 2 -27.65 -17.06 -13.62
N ALA A 3 -27.29 -18.07 -12.82
CA ALA A 3 -27.73 -18.16 -11.43
C ALA A 3 -27.15 -17.04 -10.56
N THR A 4 -26.06 -16.44 -11.02
CA THR A 4 -25.37 -15.38 -10.29
C THR A 4 -25.85 -13.97 -10.68
N TRP A 5 -26.78 -13.91 -11.64
CA TRP A 5 -27.38 -12.63 -12.06
C TRP A 5 -28.05 -11.92 -10.90
N VAL A 6 -27.72 -10.64 -10.73
CA VAL A 6 -28.30 -9.83 -9.66
C VAL A 6 -29.46 -8.97 -10.18
N THR A 7 -29.67 -9.02 -11.49
CA THR A 7 -30.77 -8.34 -12.17
C THR A 7 -31.12 -9.08 -13.46
N GLU A 8 -32.41 -9.14 -13.78
CA GLU A 8 -32.87 -9.79 -15.00
C GLU A 8 -32.58 -8.92 -16.23
N LYS A 9 -32.95 -7.64 -16.15
CA LYS A 9 -32.63 -6.66 -17.17
C LYS A 9 -31.17 -6.22 -17.00
N PRO A 10 -30.39 -6.23 -18.10
CA PRO A 10 -28.99 -5.80 -18.05
C PRO A 10 -28.86 -4.37 -17.54
N LEU A 11 -27.91 -4.15 -16.63
CA LEU A 11 -27.71 -2.84 -16.02
C LEU A 11 -26.30 -2.32 -16.25
N THR A 12 -26.21 -1.05 -16.62
CA THR A 12 -24.92 -0.36 -16.77
C THR A 12 -24.82 0.78 -15.75
N LEU A 13 -23.71 0.81 -15.03
CA LEU A 13 -23.47 1.84 -14.02
C LEU A 13 -22.15 2.56 -14.27
N LYS A 14 -22.07 3.82 -13.86
CA LYS A 14 -20.87 4.61 -14.01
C LYS A 14 -20.01 4.57 -12.76
N ILE A 15 -18.74 4.23 -12.93
CA ILE A 15 -17.79 4.19 -11.82
C ILE A 15 -16.63 5.17 -12.04
N HIS A 16 -16.38 6.01 -11.03
CA HIS A 16 -15.16 6.79 -11.00
C HIS A 16 -14.15 6.08 -10.12
N MET A 17 -13.14 5.48 -10.76
CA MET A 17 -12.08 4.83 -10.03
C MET A 17 -10.72 5.17 -10.62
N HIS A 18 -10.04 6.11 -9.98
CA HIS A 18 -8.66 6.44 -10.30
C HIS A 18 -7.83 5.99 -9.10
N PHE A 19 -6.85 5.12 -9.35
CA PHE A 19 -6.09 4.53 -8.25
C PHE A 19 -4.58 4.42 -8.45
N ARG A 20 -3.86 4.52 -7.35
CA ARG A 20 -2.39 4.35 -7.29
C ARG A 20 -1.63 5.27 -8.27
N ASP A 21 -2.24 6.42 -8.55
CA ASP A 21 -1.66 7.46 -9.41
C ASP A 21 -1.35 7.00 -10.83
N LYS A 22 -1.90 5.85 -11.24
CA LYS A 22 -1.52 5.22 -12.50
C LYS A 22 -2.69 4.63 -13.30
N TRP A 23 -3.69 4.09 -12.61
CA TRP A 23 -4.75 3.32 -13.29
C TRP A 23 -6.16 3.87 -13.11
N VAL A 24 -7.03 3.51 -14.05
CA VAL A 24 -8.47 3.75 -13.95
C VAL A 24 -9.23 2.46 -14.23
N TRP A 25 -10.50 2.40 -13.80
CA TRP A 25 -11.36 1.26 -14.13
C TRP A 25 -11.49 1.13 -15.64
N ASP A 26 -11.33 -0.09 -16.14
CA ASP A 26 -11.43 -0.37 -17.56
C ASP A 26 -12.48 -1.45 -17.81
N GLU A 27 -13.59 -1.07 -18.44
CA GLU A 27 -14.67 -2.00 -18.75
C GLU A 27 -14.23 -3.13 -19.70
N ASN A 28 -13.13 -2.91 -20.41
CA ASN A 28 -12.56 -3.90 -21.33
C ASN A 28 -11.70 -4.95 -20.64
N TRP A 29 -11.38 -4.71 -19.36
CA TRP A 29 -10.65 -5.69 -18.55
C TRP A 29 -11.31 -7.06 -18.61
N PRO A 30 -10.52 -8.13 -18.82
CA PRO A 30 -11.06 -9.49 -18.77
C PRO A 30 -11.85 -9.80 -17.50
N VAL A 31 -11.35 -9.35 -16.34
CA VAL A 31 -12.04 -9.57 -15.06
C VAL A 31 -13.38 -8.83 -15.03
N ALA A 32 -13.36 -7.56 -15.41
CA ALA A 32 -14.58 -6.74 -15.47
C ALA A 32 -15.63 -7.37 -16.36
N ARG A 33 -15.19 -7.87 -17.52
CA ARG A 33 -16.09 -8.52 -18.49
C ARG A 33 -16.69 -9.82 -17.95
N GLU A 34 -15.90 -10.58 -17.19
CA GLU A 34 -16.36 -11.83 -16.61
C GLU A 34 -17.36 -11.60 -15.48
N VAL A 35 -17.09 -10.61 -14.64
CA VAL A 35 -18.02 -10.22 -13.56
C VAL A 35 -19.33 -9.70 -14.16
N ALA A 36 -19.21 -8.90 -15.21
CA ALA A 36 -20.38 -8.37 -15.93
C ALA A 36 -21.23 -9.50 -16.53
N ARG A 37 -20.56 -10.51 -17.08
CA ARG A 37 -21.23 -11.69 -17.63
C ARG A 37 -22.01 -12.43 -16.54
N LEU A 38 -21.38 -12.59 -15.38
CA LEU A 38 -21.93 -13.40 -14.30
C LEU A 38 -23.02 -12.69 -13.49
N THR A 39 -22.92 -11.36 -13.37
CA THR A 39 -23.83 -10.59 -12.53
C THR A 39 -24.91 -9.84 -13.33
N ASN A 40 -24.67 -9.67 -14.62
CA ASN A 40 -25.55 -8.89 -15.52
C ASN A 40 -25.48 -7.38 -15.25
N VAL A 41 -24.45 -6.96 -14.52
CA VAL A 41 -24.19 -5.53 -14.28
C VAL A 41 -22.82 -5.15 -14.85
N LYS A 42 -22.82 -4.15 -15.73
CA LYS A 42 -21.60 -3.65 -16.35
C LYS A 42 -21.20 -2.31 -15.73
N LEU A 43 -19.92 -2.16 -15.41
CA LEU A 43 -19.40 -0.89 -14.91
C LEU A 43 -18.58 -0.18 -15.99
N VAL A 44 -18.93 1.07 -16.25
CA VAL A 44 -18.23 1.90 -17.22
C VAL A 44 -17.46 3.00 -16.50
N GLY A 45 -16.16 3.09 -16.81
CA GLY A 45 -15.27 4.05 -16.15
C GLY A 45 -15.42 5.47 -16.67
N VAL A 46 -15.40 6.43 -15.75
CA VAL A 46 -15.53 7.86 -16.09
C VAL A 46 -14.35 8.70 -15.63
N ALA A 47 -13.35 8.07 -15.02
CA ALA A 47 -12.16 8.77 -14.52
C ALA A 47 -11.17 9.12 -15.63
N ASN A 48 -10.33 10.12 -15.36
CA ASN A 48 -9.34 10.62 -16.33
C ASN A 48 -8.09 9.76 -16.40
N ARG A 49 -7.86 9.19 -17.59
CA ARG A 49 -6.72 8.28 -17.83
CA ARG A 49 -6.73 8.28 -17.82
C ARG A 49 -5.37 8.97 -17.72
N ALA A 50 -5.33 10.26 -18.04
CA ALA A 50 -4.07 11.02 -18.08
C ALA A 50 -3.51 11.43 -16.72
N ALA A 51 -4.38 11.53 -15.71
CA ALA A 51 -4.00 12.05 -14.39
C ALA A 51 -3.04 11.14 -13.61
N THR A 52 -2.15 11.76 -12.85
CA THR A 52 -1.18 11.03 -12.02
C THR A 52 -1.34 11.34 -10.53
N ASN A 53 -2.50 11.88 -10.16
CA ASN A 53 -2.83 12.13 -8.77
C ASN A 53 -4.27 11.69 -8.49
N SER A 54 -4.40 10.51 -7.89
CA SER A 54 -5.70 9.89 -7.64
C SER A 54 -6.56 10.68 -6.65
N GLN A 55 -5.92 11.19 -5.59
CA GLN A 55 -6.60 11.99 -4.57
C GLN A 55 -7.16 13.29 -5.15
N GLU A 56 -6.37 13.91 -6.03
CA GLU A 56 -6.78 15.13 -6.72
C GLU A 56 -8.02 14.88 -7.60
N GLN A 57 -8.03 13.72 -8.27
CA GLN A 57 -9.15 13.34 -9.13
C GLN A 57 -10.46 13.11 -8.36
N PHE A 58 -10.34 12.57 -7.14
CA PHE A 58 -11.50 12.42 -6.26
C PHE A 58 -12.03 13.80 -5.88
N ASN A 59 -11.13 14.69 -5.48
CA ASN A 59 -11.49 16.06 -5.07
C ASN A 59 -12.19 16.84 -6.17
N LEU A 60 -11.69 16.74 -7.40
CA LEU A 60 -12.30 17.39 -8.56
C LEU A 60 -13.69 16.82 -8.86
N MET A 61 -13.83 15.50 -8.69
CA MET A 61 -15.10 14.81 -8.91
CA MET A 61 -15.10 14.81 -8.90
C MET A 61 -16.17 15.30 -7.93
N MET A 62 -15.79 15.44 -6.65
CA MET A 62 -16.71 15.85 -5.60
CA MET A 62 -16.71 15.86 -5.60
C MET A 62 -17.16 17.31 -5.79
N ALA A 63 -16.28 18.11 -6.37
CA ALA A 63 -16.57 19.53 -6.60
C ALA A 63 -17.27 19.77 -7.94
N SER A 64 -17.39 18.72 -8.76
CA SER A 64 -17.93 18.83 -10.11
C SER A 64 -19.46 18.87 -10.20
N GLY A 65 -20.14 18.87 -9.05
CA GLY A 65 -21.60 18.99 -9.00
C GLY A 65 -22.39 17.84 -9.60
N GLN A 66 -21.68 16.81 -10.06
CA GLN A 66 -22.31 15.61 -10.63
CA GLN A 66 -22.31 15.61 -10.63
C GLN A 66 -21.51 14.37 -10.27
N LEU A 67 -22.16 13.46 -9.54
CA LEU A 67 -21.52 12.22 -9.09
C LEU A 67 -21.91 11.01 -9.94
N PRO A 68 -20.96 10.06 -10.12
CA PRO A 68 -21.27 8.78 -10.76
C PRO A 68 -22.09 7.87 -9.84
N ASP A 69 -22.19 6.59 -10.18
CA ASP A 69 -22.95 5.64 -9.37
C ASP A 69 -22.09 5.00 -8.29
N ILE A 70 -20.82 4.77 -8.63
CA ILE A 70 -19.87 4.12 -7.73
C ILE A 70 -18.56 4.92 -7.75
N VAL A 71 -17.93 5.04 -6.58
CA VAL A 71 -16.59 5.64 -6.49
C VAL A 71 -15.65 4.65 -5.81
N GLY A 72 -14.52 4.36 -6.46
CA GLY A 72 -13.54 3.42 -5.93
C GLY A 72 -12.12 3.95 -5.96
N GLY A 73 -11.24 3.31 -5.19
CA GLY A 73 -9.82 3.66 -5.23
C GLY A 73 -9.10 3.50 -3.90
N ASP A 74 -7.80 3.74 -3.94
CA ASP A 74 -6.93 3.63 -2.77
C ASP A 74 -6.96 4.91 -1.92
N ASN A 75 -6.72 4.74 -0.63
CA ASN A 75 -6.60 5.86 0.32
C ASN A 75 -7.81 6.81 0.32
N LEU A 76 -9.01 6.23 0.28
CA LEU A 76 -10.25 7.00 0.22
C LEU A 76 -11.15 6.80 1.44
N LYS A 77 -10.70 6.00 2.41
CA LYS A 77 -11.45 5.74 3.64
C LYS A 77 -11.96 7.02 4.29
N ASP A 78 -11.05 7.95 4.58
CA ASP A 78 -11.39 9.20 5.27
C ASP A 78 -12.40 10.03 4.48
N LYS A 79 -12.25 10.03 3.15
CA LYS A 79 -13.16 10.74 2.27
C LYS A 79 -14.52 10.05 2.13
N PHE A 80 -14.52 8.72 2.10
CA PHE A 80 -15.76 7.95 2.13
C PHE A 80 -16.58 8.24 3.38
N ILE A 81 -15.90 8.30 4.53
CA ILE A 81 -16.54 8.57 5.81
C ILE A 81 -17.05 10.02 5.90
N ARG A 82 -16.21 10.97 5.50
CA ARG A 82 -16.56 12.39 5.55
C ARG A 82 -17.78 12.71 4.69
N TYR A 83 -17.71 12.33 3.41
CA TYR A 83 -18.78 12.63 2.47
C TYR A 83 -19.98 11.69 2.61
N GLY A 84 -19.76 10.55 3.27
CA GLY A 84 -20.85 9.66 3.65
C GLY A 84 -21.76 10.30 4.68
N MET A 85 -21.15 10.87 5.73
CA MET A 85 -21.91 11.56 6.78
C MET A 85 -22.54 12.86 6.28
N GLU A 86 -21.97 13.43 5.22
CA GLU A 86 -22.53 14.61 4.57
C GLU A 86 -23.70 14.26 3.64
N GLY A 87 -23.77 13.00 3.23
CA GLY A 87 -24.87 12.51 2.40
C GLY A 87 -24.54 12.25 0.94
N ALA A 88 -23.26 12.39 0.57
CA ALA A 88 -22.82 12.14 -0.80
C ALA A 88 -22.72 10.65 -1.09
N PHE A 89 -22.29 9.88 -0.10
CA PHE A 89 -22.33 8.41 -0.16
C PHE A 89 -23.40 7.90 0.81
N ILE A 90 -24.09 6.84 0.40
CA ILE A 90 -25.17 6.27 1.21
C ILE A 90 -24.65 5.24 2.21
N PRO A 91 -25.33 5.10 3.37
CA PRO A 91 -25.00 4.02 4.30
C PRO A 91 -25.37 2.67 3.72
N LEU A 92 -24.59 1.64 4.05
CA LEU A 92 -24.77 0.31 3.46
C LEU A 92 -25.34 -0.73 4.43
N ASN A 93 -25.48 -0.35 5.70
CA ASN A 93 -25.92 -1.25 6.77
C ASN A 93 -27.18 -2.06 6.43
N LYS A 94 -28.26 -1.35 6.09
CA LYS A 94 -29.54 -1.98 5.76
C LYS A 94 -29.46 -2.78 4.46
N LEU A 95 -28.78 -2.23 3.46
CA LEU A 95 -28.59 -2.89 2.17
C LEU A 95 -27.84 -4.22 2.30
N ILE A 96 -26.78 -4.22 3.11
CA ILE A 96 -26.01 -5.43 3.39
C ILE A 96 -26.87 -6.47 4.13
N ASP A 97 -27.55 -6.02 5.19
CA ASP A 97 -28.39 -6.88 6.00
C ASP A 97 -29.48 -7.58 5.19
N GLN A 98 -30.04 -6.87 4.21
CA GLN A 98 -31.17 -7.37 3.43
C GLN A 98 -30.78 -8.09 2.13
N ASN A 99 -29.64 -7.69 1.54
CA ASN A 99 -29.30 -8.13 0.18
C ASN A 99 -27.93 -8.76 -0.01
N ALA A 100 -27.11 -8.77 1.03
CA ALA A 100 -25.70 -9.20 0.89
C ALA A 100 -25.28 -10.30 1.87
N PRO A 101 -25.67 -11.56 1.60
CA PRO A 101 -25.36 -12.68 2.50
C PRO A 101 -23.86 -12.94 2.69
N ASN A 102 -23.07 -12.80 1.62
CA ASN A 102 -21.63 -13.05 1.69
C ASN A 102 -20.91 -12.05 2.60
N LEU A 103 -21.27 -10.78 2.48
CA LEU A 103 -20.71 -9.71 3.32
C LEU A 103 -21.13 -9.84 4.77
N LYS A 104 -22.40 -10.23 4.99
CA LYS A 104 -22.91 -10.50 6.33
C LYS A 104 -22.08 -11.57 7.03
N ALA A 105 -21.85 -12.68 6.32
CA ALA A 105 -21.05 -13.79 6.83
C ALA A 105 -19.59 -13.37 7.08
N PHE A 106 -19.08 -12.51 6.22
CA PHE A 106 -17.72 -12.00 6.35
C PHE A 106 -17.55 -11.11 7.59
N PHE A 107 -18.47 -10.18 7.78
CA PHE A 107 -18.37 -9.21 8.88
C PHE A 107 -18.53 -9.81 10.28
N LYS A 108 -19.33 -10.86 10.39
CA LYS A 108 -19.53 -11.55 11.67
CA LYS A 108 -19.52 -11.55 11.67
C LYS A 108 -18.30 -12.39 12.06
N THR A 109 -17.58 -12.88 11.05
CA THR A 109 -16.35 -13.63 11.28
C THR A 109 -15.13 -12.70 11.35
N HIS A 110 -15.29 -11.49 10.83
CA HIS A 110 -14.24 -10.47 10.87
C HIS A 110 -14.77 -9.18 11.50
N PRO A 111 -15.07 -9.19 12.82
CA PRO A 111 -15.66 -8.02 13.48
C PRO A 111 -14.73 -6.80 13.52
N GLU A 112 -13.42 -7.05 13.49
CA GLU A 112 -12.41 -5.98 13.50
CA GLU A 112 -12.44 -5.96 13.52
C GLU A 112 -12.36 -5.23 12.17
N VAL A 113 -12.73 -5.91 11.09
CA VAL A 113 -12.78 -5.30 9.76
C VAL A 113 -14.00 -4.38 9.69
N GLN A 114 -15.13 -4.85 10.22
CA GLN A 114 -16.36 -4.04 10.30
C GLN A 114 -16.13 -2.80 11.15
N ARG A 115 -15.43 -2.97 12.26
CA ARG A 115 -15.09 -1.88 13.18
CA ARG A 115 -15.10 -1.89 13.17
C ARG A 115 -14.24 -0.81 12.48
N ALA A 116 -13.23 -1.26 11.73
CA ALA A 116 -12.29 -0.36 11.05
C ALA A 116 -12.93 0.49 9.95
N ILE A 117 -14.02 0.01 9.36
CA ILE A 117 -14.68 0.71 8.25
C ILE A 117 -15.93 1.48 8.67
N THR A 118 -16.35 1.32 9.93
CA THR A 118 -17.56 1.95 10.44
C THR A 118 -17.30 3.40 10.85
N ALA A 119 -18.17 4.30 10.37
CA ALA A 119 -18.10 5.73 10.70
C ALA A 119 -18.57 6.01 12.13
N PRO A 120 -18.23 7.19 12.68
CA PRO A 120 -18.66 7.57 14.03
C PRO A 120 -20.17 7.61 14.25
N ASP A 121 -20.95 7.72 13.17
CA ASP A 121 -22.42 7.69 13.26
C ASP A 121 -22.98 6.27 13.22
N GLY A 122 -22.10 5.28 13.13
CA GLY A 122 -22.48 3.87 13.10
C GLY A 122 -22.66 3.30 11.70
N ASN A 123 -22.53 4.15 10.69
CA ASN A 123 -22.77 3.75 9.31
C ASN A 123 -21.53 3.23 8.58
N ILE A 124 -21.76 2.24 7.72
CA ILE A 124 -20.74 1.74 6.81
C ILE A 124 -20.97 2.43 5.46
N TYR A 125 -19.99 3.22 5.04
CA TYR A 125 -20.12 4.01 3.82
C TYR A 125 -19.32 3.46 2.63
N TYR A 126 -18.54 2.42 2.87
CA TYR A 126 -17.75 1.78 1.82
C TYR A 126 -17.41 0.34 2.16
N LEU A 127 -17.05 -0.44 1.14
CA LEU A 127 -16.52 -1.78 1.35
C LEU A 127 -15.02 -1.76 1.06
N PRO A 128 -14.22 -2.38 1.96
CA PRO A 128 -12.78 -2.24 1.86
C PRO A 128 -12.05 -3.29 1.03
N TYR A 129 -10.86 -2.91 0.58
CA TYR A 129 -9.85 -3.85 0.15
C TYR A 129 -9.34 -4.55 1.41
N VAL A 130 -9.56 -5.87 1.46
CA VAL A 130 -9.15 -6.69 2.60
C VAL A 130 -7.98 -7.58 2.18
N PRO A 131 -6.73 -7.16 2.49
CA PRO A 131 -5.56 -7.97 2.20
C PRO A 131 -5.55 -9.30 2.94
N ASP A 132 -4.74 -10.25 2.46
CA ASP A 132 -4.58 -11.54 3.11
C ASP A 132 -3.09 -11.82 3.25
N GLY A 133 -2.66 -12.12 4.48
CA GLY A 133 -1.25 -12.35 4.79
C GLY A 133 -0.85 -11.68 6.09
N LEU A 134 0.43 -11.80 6.43
CA LEU A 134 0.94 -11.29 7.71
C LEU A 134 2.03 -10.24 7.50
N VAL A 135 3.18 -10.67 7.01
CA VAL A 135 4.27 -9.73 6.71
C VAL A 135 4.03 -9.09 5.35
N SER A 136 4.70 -7.97 5.12
CA SER A 136 4.59 -7.28 3.84
C SER A 136 5.99 -7.05 3.27
N ARG A 137 6.69 -6.07 3.82
CA ARG A 137 7.99 -5.67 3.32
C ARG A 137 9.13 -6.20 4.16
N GLY A 138 10.30 -6.32 3.53
CA GLY A 138 11.54 -6.65 4.21
C GLY A 138 12.71 -6.03 3.47
N TYR A 139 13.87 -6.00 4.12
CA TYR A 139 15.09 -5.50 3.49
C TYR A 139 15.68 -6.55 2.58
N PHE A 140 16.14 -6.11 1.41
CA PHE A 140 16.81 -6.95 0.42
C PHE A 140 18.13 -6.34 0.04
N ILE A 141 19.18 -7.17 -0.01
CA ILE A 141 20.51 -6.68 -0.38
C ILE A 141 21.14 -7.60 -1.43
N ARG A 142 22.01 -7.04 -2.26
CA ARG A 142 22.72 -7.80 -3.28
C ARG A 142 23.82 -8.66 -2.65
N GLN A 143 23.50 -9.93 -2.41
CA GLN A 143 24.45 -10.89 -1.86
C GLN A 143 25.66 -11.09 -2.77
N ASP A 144 25.43 -11.08 -4.08
CA ASP A 144 26.52 -11.23 -5.04
C ASP A 144 27.50 -10.07 -4.99
N TRP A 145 27.01 -8.87 -4.70
CA TRP A 145 27.86 -7.69 -4.51
C TRP A 145 28.64 -7.76 -3.21
N LEU A 146 27.98 -8.23 -2.14
CA LEU A 146 28.66 -8.48 -0.87
C LEU A 146 29.81 -9.47 -1.04
N ASP A 147 29.54 -10.56 -1.74
CA ASP A 147 30.54 -11.61 -1.97
C ASP A 147 31.69 -11.14 -2.86
N LYS A 148 31.36 -10.35 -3.88
CA LYS A 148 32.34 -9.82 -4.83
C LYS A 148 33.32 -8.87 -4.14
N LEU A 149 32.79 -8.07 -3.21
CA LEU A 149 33.59 -7.09 -2.48
C LEU A 149 34.13 -7.64 -1.16
N HIS A 150 33.87 -8.93 -0.93
CA HIS A 150 34.35 -9.66 0.26
C HIS A 150 33.87 -9.01 1.57
N LEU A 151 32.60 -8.62 1.57
CA LEU A 151 31.98 -7.98 2.73
C LEU A 151 30.98 -8.93 3.38
N LYS A 152 30.88 -8.84 4.70
CA LYS A 152 29.90 -9.62 5.45
C LYS A 152 28.55 -8.90 5.46
N THR A 153 27.49 -9.65 5.70
CA THR A 153 26.14 -9.09 5.83
C THR A 153 26.14 -8.05 6.96
N PRO A 154 25.76 -6.79 6.64
CA PRO A 154 25.78 -5.74 7.65
C PRO A 154 24.76 -5.98 8.76
N GLN A 155 25.24 -5.97 10.01
CA GLN A 155 24.42 -6.29 11.17
C GLN A 155 23.95 -5.05 11.91
N THR A 156 24.64 -3.94 11.68
CA THR A 156 24.31 -2.66 12.30
C THR A 156 24.23 -1.58 11.23
N VAL A 157 23.68 -0.43 11.60
CA VAL A 157 23.58 0.71 10.68
C VAL A 157 24.96 1.20 10.23
N ASP A 158 25.91 1.24 11.16
CA ASP A 158 27.28 1.64 10.84
C ASP A 158 27.93 0.68 9.85
N GLU A 159 27.70 -0.62 10.03
CA GLU A 159 28.17 -1.63 9.09
C GLU A 159 27.51 -1.47 7.73
N LEU A 160 26.22 -1.12 7.73
CA LEU A 160 25.48 -0.89 6.49
C LEU A 160 26.00 0.31 5.73
N TYR A 161 26.33 1.39 6.44
CA TYR A 161 26.92 2.57 5.83
C TYR A 161 28.17 2.19 5.02
N THR A 162 29.06 1.43 5.65
CA THR A 162 30.30 0.96 5.02
C THR A 162 30.00 0.15 3.75
N VAL A 163 29.02 -0.75 3.86
CA VAL A 163 28.61 -1.60 2.74
C VAL A 163 28.03 -0.76 1.57
N LEU A 164 27.14 0.17 1.88
CA LEU A 164 26.54 1.01 0.85
C LEU A 164 27.57 1.95 0.20
N LYS A 165 28.50 2.45 1.01
CA LYS A 165 29.60 3.27 0.49
CA LYS A 165 29.60 3.27 0.50
C LYS A 165 30.46 2.47 -0.47
N ALA A 166 30.71 1.20 -0.13
CA ALA A 166 31.48 0.30 -0.99
C ALA A 166 30.74 0.00 -2.29
N PHE A 167 29.43 -0.20 -2.19
CA PHE A 167 28.59 -0.37 -3.38
C PHE A 167 28.74 0.82 -4.32
N LYS A 168 28.74 2.02 -3.76
CA LYS A 168 28.85 3.24 -4.56
C LYS A 168 30.23 3.43 -5.19
N GLU A 169 31.28 3.07 -4.46
CA GLU A 169 32.65 3.47 -4.82
C GLU A 169 33.53 2.38 -5.42
N LYS A 170 33.22 1.11 -5.15
CA LYS A 170 34.11 0.00 -5.49
CA LYS A 170 34.12 0.01 -5.49
C LYS A 170 33.68 -0.80 -6.72
N ASP A 171 32.81 -0.21 -7.54
CA ASP A 171 32.43 -0.78 -8.84
C ASP A 171 32.06 -2.28 -8.82
N PRO A 172 31.04 -2.66 -8.01
CA PRO A 172 30.67 -4.08 -7.94
C PRO A 172 30.09 -4.67 -9.23
N ASN A 173 29.56 -3.84 -10.13
CA ASN A 173 29.10 -4.35 -11.43
C ASN A 173 30.23 -4.48 -12.47
N GLY A 174 31.40 -3.95 -12.11
CA GLY A 174 32.63 -4.19 -12.86
C GLY A 174 32.76 -3.56 -14.23
N ASN A 175 32.06 -2.45 -14.45
CA ASN A 175 32.11 -1.76 -15.74
C ASN A 175 33.05 -0.54 -15.76
N GLY A 176 33.78 -0.34 -14.68
CA GLY A 176 34.72 0.77 -14.54
C GLY A 176 34.08 2.13 -14.39
N LYS A 177 32.77 2.15 -14.15
CA LYS A 177 32.02 3.38 -13.98
CA LYS A 177 32.00 3.38 -13.99
C LYS A 177 31.35 3.45 -12.61
N ALA A 178 31.26 4.67 -12.07
CA ALA A 178 30.57 4.89 -10.80
C ALA A 178 29.09 5.12 -11.09
N ASP A 179 28.41 4.04 -11.47
CA ASP A 179 27.01 4.08 -11.88
C ASP A 179 26.08 3.43 -10.85
N GLU A 180 26.68 2.78 -9.85
CA GLU A 180 25.93 2.07 -8.82
C GLU A 180 25.14 3.01 -7.94
N ILE A 181 23.90 2.61 -7.66
CA ILE A 181 23.02 3.31 -6.73
C ILE A 181 22.71 2.35 -5.58
N PRO A 182 23.33 2.57 -4.40
CA PRO A 182 23.25 1.59 -3.32
C PRO A 182 21.83 1.25 -2.84
N PHE A 183 21.05 2.27 -2.48
CA PHE A 183 19.68 2.04 -2.01
C PHE A 183 18.66 2.63 -2.98
N ILE A 184 17.76 1.76 -3.46
CA ILE A 184 16.68 2.16 -4.37
C ILE A 184 15.33 1.79 -3.75
N ASN A 185 14.26 2.43 -4.24
CA ASN A 185 12.92 2.08 -3.80
C ASN A 185 11.81 2.58 -4.72
N ARG A 186 10.84 1.69 -4.96
CA ARG A 186 9.60 2.00 -5.67
C ARG A 186 8.80 3.12 -5.02
N ASP A 187 8.88 3.19 -3.69
CA ASP A 187 8.08 4.12 -2.91
C ASP A 187 8.94 5.22 -2.33
N PRO A 188 8.69 6.48 -2.74
CA PRO A 188 9.38 7.63 -2.17
C PRO A 188 9.30 7.66 -0.64
N GLU A 189 8.15 7.25 -0.09
CA GLU A 189 7.92 7.26 1.36
C GLU A 189 8.89 6.33 2.12
N GLU A 190 9.49 5.38 1.42
CA GLU A 190 10.45 4.49 2.03
C GLU A 190 11.75 5.20 2.43
N VAL A 191 12.05 6.33 1.79
CA VAL A 191 13.20 7.13 2.19
C VAL A 191 13.00 7.69 3.61
N PHE A 192 11.75 8.03 3.95
CA PHE A 192 11.42 8.46 5.30
C PHE A 192 11.56 7.31 6.31
N ARG A 193 11.25 6.09 5.87
CA ARG A 193 11.35 4.92 6.74
C ARG A 193 12.79 4.62 7.17
N LEU A 194 13.76 5.17 6.44
CA LEU A 194 15.17 5.01 6.80
C LEU A 194 15.51 5.65 8.15
N VAL A 195 14.65 6.54 8.65
CA VAL A 195 14.82 7.09 10.01
C VAL A 195 14.75 6.01 11.08
N ASN A 196 14.15 4.86 10.74
CA ASN A 196 14.16 3.67 11.61
C ASN A 196 15.56 3.28 12.03
N PHE A 197 16.52 3.50 11.12
CA PHE A 197 17.92 3.18 11.39
C PHE A 197 18.48 4.01 12.55
N TRP A 198 17.87 5.17 12.79
CA TRP A 198 18.29 6.05 13.87
C TRP A 198 17.22 6.21 14.95
N GLY A 199 16.43 5.15 15.14
CA GLY A 199 15.51 5.03 16.27
C GLY A 199 14.27 5.88 16.20
N ALA A 200 13.92 6.36 15.01
CA ALA A 200 12.72 7.16 14.81
C ALA A 200 11.71 6.41 13.96
N ARG A 201 10.43 6.61 14.27
CA ARG A 201 9.36 6.01 13.46
C ARG A 201 9.06 6.87 12.23
N SER A 202 8.49 6.26 11.20
CA SER A 202 8.03 6.99 10.02
C SER A 202 6.52 6.83 9.81
N THR A 203 5.97 5.73 10.31
CA THR A 203 4.54 5.46 10.25
C THR A 203 4.14 4.33 11.21
N GLY A 204 2.92 4.38 11.70
CA GLY A 204 2.43 3.36 12.63
C GLY A 204 1.82 2.13 11.97
N SER A 205 1.62 2.19 10.66
CA SER A 205 1.00 1.08 9.92
C SER A 205 1.39 1.09 8.44
N ASN A 206 0.80 0.17 7.68
CA ASN A 206 0.97 0.10 6.22
C ASN A 206 0.46 1.35 5.51
N THR A 207 -0.43 2.09 6.16
CA THR A 207 -0.87 3.40 5.66
C THR A 207 0.27 4.39 5.86
N TRP A 208 0.66 5.07 4.78
CA TRP A 208 1.75 6.03 4.84
C TRP A 208 1.45 7.15 5.83
N MET A 209 2.46 7.50 6.62
CA MET A 209 2.40 8.64 7.56
C MET A 209 1.24 8.49 8.55
N ASP A 210 1.11 7.28 9.08
CA ASP A 210 0.09 6.99 10.09
C ASP A 210 0.64 7.26 11.48
N PHE A 211 -0.28 7.53 12.42
CA PHE A 211 0.08 7.72 13.83
C PHE A 211 0.55 6.41 14.46
N TYR A 212 1.20 6.50 15.60
CA TYR A 212 1.53 5.32 16.40
C TYR A 212 1.33 5.59 17.88
N VAL A 213 1.37 4.53 18.69
CA VAL A 213 1.20 4.64 20.13
C VAL A 213 2.48 4.21 20.84
N GLU A 214 2.94 5.05 21.77
CA GLU A 214 4.03 4.68 22.67
C GLU A 214 3.66 5.09 24.10
N ASN A 215 3.70 4.10 24.99
CA ASN A 215 3.38 4.29 26.42
CA ASN A 215 3.39 4.28 26.41
C ASN A 215 2.03 4.98 26.64
N GLY A 216 1.02 4.53 25.90
CA GLY A 216 -0.34 5.07 26.02
C GLY A 216 -0.55 6.44 25.44
N LYS A 217 0.41 6.92 24.64
CA LYS A 217 0.32 8.25 24.04
C LYS A 217 0.36 8.17 22.51
N ILE A 218 -0.61 8.82 21.88
CA ILE A 218 -0.64 8.97 20.42
C ILE A 218 0.48 9.92 20.00
N LYS A 219 1.26 9.48 19.03
CA LYS A 219 2.33 10.32 18.47
C LYS A 219 2.24 10.27 16.95
N HIS A 220 2.66 11.36 16.30
CA HIS A 220 2.91 11.27 14.87
C HIS A 220 4.40 11.33 14.58
N PRO A 221 4.89 10.37 13.77
CA PRO A 221 6.31 10.25 13.44
C PRO A 221 6.96 11.55 12.97
N PHE A 222 6.29 12.32 12.10
CA PHE A 222 6.87 13.51 11.51
C PHE A 222 6.94 14.72 12.46
N ALA A 223 6.26 14.62 13.60
CA ALA A 223 6.24 15.70 14.59
C ALA A 223 7.25 15.50 15.72
N GLU A 224 7.85 14.31 15.79
CA GLU A 224 8.75 13.95 16.87
C GLU A 224 10.16 14.47 16.68
N VAL A 225 10.81 14.85 17.78
CA VAL A 225 12.21 15.30 17.77
C VAL A 225 13.13 14.20 17.23
N ALA A 226 12.80 12.94 17.50
CA ALA A 226 13.53 11.80 16.95
C ALA A 226 13.59 11.82 15.42
N PHE A 227 12.51 12.31 14.80
CA PHE A 227 12.45 12.44 13.34
C PHE A 227 13.39 13.53 12.85
N LYS A 228 13.41 14.67 13.56
CA LYS A 228 14.34 15.76 13.25
C LYS A 228 15.78 15.24 13.21
N ASP A 229 16.17 14.51 14.25
CA ASP A 229 17.51 13.96 14.36
C ASP A 229 17.76 12.83 13.35
N GLY A 230 16.75 12.01 13.15
CA GLY A 230 16.84 10.88 12.22
C GLY A 230 16.95 11.31 10.76
N ILE A 231 16.16 12.32 10.38
CA ILE A 231 16.15 12.79 9.00
C ILE A 231 17.46 13.49 8.59
N LYS A 232 18.19 13.99 9.59
CA LYS A 232 19.52 14.55 9.35
C LYS A 232 20.46 13.47 8.78
N HIS A 233 20.37 12.27 9.35
CA HIS A 233 21.19 11.15 8.89
C HIS A 233 20.77 10.69 7.49
N VAL A 234 19.46 10.64 7.25
CA VAL A 234 18.92 10.27 5.94
C VAL A 234 19.39 11.29 4.90
N ALA A 235 19.32 12.57 5.25
CA ALA A 235 19.81 13.66 4.40
C ALA A 235 21.29 13.50 4.07
N GLN A 236 22.07 13.05 5.05
CA GLN A 236 23.50 12.82 4.87
C GLN A 236 23.76 11.66 3.89
N TRP A 237 23.00 10.58 4.05
CA TRP A 237 23.10 9.44 3.13
C TRP A 237 22.68 9.81 1.72
N TYR A 238 21.66 10.66 1.61
CA TYR A 238 21.24 11.18 0.31
C TYR A 238 22.34 12.07 -0.29
N LYS A 239 22.90 12.93 0.55
CA LYS A 239 23.98 13.84 0.14
CA LYS A 239 23.99 13.84 0.16
C LYS A 239 25.16 13.06 -0.45
N GLU A 240 25.54 11.96 0.21
CA GLU A 240 26.65 11.13 -0.22
C GLU A 240 26.31 10.17 -1.36
N GLY A 241 25.05 10.20 -1.81
CA GLY A 241 24.62 9.39 -2.95
C GLY A 241 24.40 7.92 -2.65
N LEU A 242 24.22 7.59 -1.37
CA LEU A 242 23.93 6.22 -0.97
C LEU A 242 22.47 5.90 -1.22
N ILE A 243 21.63 6.93 -1.13
CA ILE A 243 20.23 6.83 -1.48
C ILE A 243 20.05 7.35 -2.91
N ASP A 244 19.28 6.61 -3.70
CA ASP A 244 18.90 7.01 -5.05
C ASP A 244 18.57 8.51 -5.12
N PRO A 245 19.34 9.27 -5.94
CA PRO A 245 19.04 10.70 -6.10
C PRO A 245 17.62 10.93 -6.62
N GLU A 246 17.09 9.96 -7.36
CA GLU A 246 15.75 10.05 -7.95
C GLU A 246 14.68 9.37 -7.09
N ILE A 247 14.94 9.17 -5.81
CA ILE A 247 14.01 8.41 -4.94
C ILE A 247 12.58 8.99 -4.89
N PHE A 248 12.45 10.31 -5.06
CA PHE A 248 11.15 10.97 -5.06
C PHE A 248 10.45 10.95 -6.42
N THR A 249 11.19 10.60 -7.47
CA THR A 249 10.69 10.72 -8.84
C THR A 249 10.58 9.40 -9.60
N ARG A 250 11.52 8.48 -9.34
CA ARG A 250 11.64 7.23 -10.11
C ARG A 250 10.37 6.39 -10.02
N LYS A 251 10.02 6.00 -8.79
CA LYS A 251 8.74 5.34 -8.47
C LYS A 251 8.56 3.93 -9.06
N ALA A 252 7.43 3.69 -9.72
CA ALA A 252 6.91 2.33 -9.98
C ALA A 252 7.87 1.30 -10.54
N ARG A 253 8.69 1.69 -11.52
CA ARG A 253 9.58 0.75 -12.21
CA ARG A 253 9.58 0.74 -12.21
C ARG A 253 11.03 0.85 -11.73
N SER A 254 11.21 1.35 -10.49
CA SER A 254 12.54 1.48 -9.89
C SER A 254 13.37 0.20 -9.92
N ARG A 255 12.72 -0.94 -9.62
CA ARG A 255 13.41 -2.22 -9.58
C ARG A 255 13.80 -2.72 -10.96
N GLU A 256 12.87 -2.64 -11.91
CA GLU A 256 13.15 -3.02 -13.30
C GLU A 256 14.33 -2.22 -13.85
N GLN A 257 14.36 -0.93 -13.55
CA GLN A 257 15.41 -0.04 -14.02
C GLN A 257 16.75 -0.34 -13.36
N THR A 258 16.77 -0.28 -12.03
CA THR A 258 18.04 -0.32 -11.29
C THR A 258 18.59 -1.72 -11.10
N PHE A 259 17.73 -2.71 -10.86
CA PHE A 259 18.21 -4.09 -10.82
C PHE A 259 18.47 -4.62 -12.23
N GLY A 260 17.59 -4.30 -13.17
CA GLY A 260 17.73 -4.72 -14.56
C GLY A 260 19.00 -4.23 -15.23
N ASN A 261 19.42 -3.01 -14.91
CA ASN A 261 20.66 -2.45 -15.43
C ASN A 261 21.86 -2.71 -14.51
N ASN A 262 21.62 -3.51 -13.47
CA ASN A 262 22.67 -3.92 -12.53
C ASN A 262 23.35 -2.75 -11.80
N ILE A 263 22.54 -1.80 -11.34
CA ILE A 263 23.07 -0.65 -10.60
C ILE A 263 22.53 -0.54 -9.16
N GLY A 264 21.41 -1.21 -8.89
CA GLY A 264 20.77 -1.16 -7.57
C GLY A 264 21.34 -2.19 -6.61
N GLY A 265 21.67 -1.76 -5.40
CA GLY A 265 22.32 -2.62 -4.41
C GLY A 265 21.45 -3.11 -3.27
N MET A 266 20.37 -2.39 -2.98
CA MET A 266 19.55 -2.67 -1.81
C MET A 266 18.17 -2.01 -1.95
N THR A 267 17.16 -2.64 -1.33
CA THR A 267 15.83 -2.04 -1.24
C THR A 267 15.08 -2.50 0.01
N HIS A 268 13.89 -1.93 0.21
CA HIS A 268 12.97 -2.36 1.25
C HIS A 268 11.58 -2.41 0.61
N ASP A 269 11.09 -3.62 0.38
CA ASP A 269 9.92 -3.84 -0.48
C ASP A 269 9.31 -5.20 -0.19
N TRP A 270 8.16 -5.47 -0.81
CA TRP A 270 7.41 -6.71 -0.60
C TRP A 270 8.22 -7.93 -1.01
N PHE A 271 8.14 -8.99 -0.20
CA PHE A 271 8.97 -10.18 -0.39
C PHE A 271 8.80 -10.89 -1.75
N ALA A 272 7.55 -11.15 -2.15
CA ALA A 272 7.29 -11.95 -3.35
C ALA A 272 7.80 -11.31 -4.64
N SER A 273 7.36 -10.09 -4.94
CA SER A 273 7.73 -9.43 -6.18
C SER A 273 9.21 -9.03 -6.25
N THR A 274 9.79 -8.69 -5.09
CA THR A 274 11.19 -8.28 -5.02
C THR A 274 12.12 -9.46 -5.28
N ALA A 275 11.83 -10.60 -4.64
CA ALA A 275 12.63 -11.81 -4.82
C ALA A 275 12.52 -12.37 -6.23
N LEU A 276 11.41 -12.06 -6.91
CA LEU A 276 11.16 -12.53 -8.27
C LEU A 276 12.23 -12.05 -9.26
N PHE A 277 12.87 -10.92 -8.95
CA PHE A 277 13.90 -10.36 -9.82
C PHE A 277 15.13 -11.26 -9.96
N ASN A 278 15.35 -12.12 -8.96
CA ASN A 278 16.39 -13.15 -9.05
C ASN A 278 16.15 -14.11 -10.21
N ASP A 279 14.89 -14.44 -10.45
CA ASP A 279 14.51 -15.35 -11.52
C ASP A 279 14.49 -14.65 -12.88
N ALA A 280 13.88 -13.46 -12.91
CA ALA A 280 13.77 -12.68 -14.14
C ALA A 280 15.12 -12.27 -14.74
N LEU A 281 16.10 -11.99 -13.88
CA LEU A 281 17.40 -11.50 -14.33
C LEU A 281 18.50 -12.56 -14.28
N SER A 282 18.11 -13.82 -14.12
CA SER A 282 19.07 -14.93 -13.90
C SER A 282 20.08 -15.13 -15.02
N LYS A 283 19.66 -14.86 -16.26
CA LYS A 283 20.55 -15.01 -17.43
C LYS A 283 21.14 -13.68 -17.88
N ASN A 284 20.36 -12.61 -17.77
CA ASN A 284 20.83 -11.26 -18.10
C ASN A 284 21.97 -10.79 -17.21
N ILE A 285 21.88 -11.12 -15.92
CA ILE A 285 22.93 -10.81 -14.95
C ILE A 285 23.30 -12.10 -14.21
N PRO A 286 24.29 -12.85 -14.73
CA PRO A 286 24.72 -14.08 -14.08
C PRO A 286 25.21 -13.81 -12.67
N GLY A 287 24.60 -14.49 -11.70
CA GLY A 287 24.99 -14.34 -10.31
C GLY A 287 24.15 -13.36 -9.50
N PHE A 288 23.26 -12.62 -10.19
CA PHE A 288 22.34 -11.71 -9.51
C PHE A 288 21.64 -12.43 -8.36
N LYS A 289 21.87 -11.96 -7.13
CA LYS A 289 21.27 -12.58 -5.96
CA LYS A 289 21.30 -12.59 -5.95
C LYS A 289 20.86 -11.53 -4.94
N LEU A 290 19.58 -11.17 -4.99
CA LEU A 290 18.99 -10.21 -4.08
C LEU A 290 18.32 -11.01 -2.97
N VAL A 291 18.88 -10.92 -1.77
CA VAL A 291 18.45 -11.75 -0.64
C VAL A 291 17.81 -10.94 0.47
N PRO A 292 16.83 -11.53 1.18
CA PRO A 292 16.31 -10.92 2.40
C PRO A 292 17.41 -10.73 3.44
N MET A 293 17.33 -9.61 4.14
CA MET A 293 18.29 -9.25 5.15
C MET A 293 17.52 -8.86 6.39
N ALA A 294 17.96 -9.34 7.55
CA ALA A 294 17.40 -8.91 8.82
C ALA A 294 17.60 -7.40 8.92
N PRO A 295 16.61 -6.67 9.47
CA PRO A 295 16.86 -5.24 9.65
C PRO A 295 18.13 -5.03 10.46
N PRO A 296 18.94 -4.01 10.12
CA PRO A 296 20.16 -3.75 10.88
C PRO A 296 19.82 -3.30 12.30
N ILE A 297 20.70 -3.61 13.25
CA ILE A 297 20.56 -3.10 14.61
C ILE A 297 20.64 -1.58 14.55
N ASN A 298 19.57 -0.91 14.97
CA ASN A 298 19.51 0.55 14.89
C ASN A 298 20.15 1.25 16.08
N SER A 299 20.00 2.57 16.16
CA SER A 299 20.63 3.36 17.22
C SER A 299 20.02 3.08 18.60
N LYS A 300 18.83 2.49 18.62
CA LYS A 300 18.17 2.07 19.85
C LYS A 300 18.45 0.60 20.19
N GLY A 301 19.36 -0.01 19.43
CA GLY A 301 19.80 -1.37 19.70
C GLY A 301 18.85 -2.46 19.24
N GLN A 302 17.91 -2.10 18.38
CA GLN A 302 16.86 -3.03 17.95
C GLN A 302 16.79 -3.18 16.43
N ARG A 303 16.24 -4.32 16.00
CA ARG A 303 16.05 -4.58 14.57
C ARG A 303 14.57 -4.39 14.21
N TRP A 304 14.25 -3.24 13.62
CA TRP A 304 12.87 -2.90 13.34
C TRP A 304 12.43 -3.24 11.91
N GLU A 305 11.34 -4.00 11.81
CA GLU A 305 10.54 -3.98 10.59
C GLU A 305 9.26 -3.23 10.92
N GLU A 306 9.14 -2.01 10.37
CA GLU A 306 8.03 -1.13 10.71
C GLU A 306 6.74 -1.49 10.00
N ASP A 307 6.86 -2.16 8.85
CA ASP A 307 5.72 -2.43 7.99
C ASP A 307 5.15 -3.84 8.18
N ALA A 308 3.84 -3.95 8.02
CA ALA A 308 3.14 -5.23 8.02
C ALA A 308 1.88 -5.09 7.17
N ARG A 309 1.29 -6.21 6.78
CA ARG A 309 0.04 -6.18 6.02
C ARG A 309 -1.06 -5.60 6.89
N GLN A 310 -1.88 -4.73 6.31
CA GLN A 310 -2.93 -4.04 7.05
C GLN A 310 -4.31 -4.53 6.62
N ILE A 311 -5.04 -5.10 7.59
CA ILE A 311 -6.34 -5.71 7.31
C ILE A 311 -7.43 -5.02 8.15
N PRO A 312 -8.30 -4.23 7.50
CA PRO A 312 -8.31 -3.90 6.08
C PRO A 312 -7.47 -2.66 5.76
N ARG A 313 -7.26 -2.41 4.46
CA ARG A 313 -6.61 -1.19 4.01
C ARG A 313 -7.63 -0.06 3.82
N PRO A 314 -7.17 1.21 3.88
CA PRO A 314 -8.07 2.34 3.71
C PRO A 314 -8.48 2.57 2.24
N ASP A 315 -8.68 1.46 1.52
CA ASP A 315 -9.06 1.48 0.11
C ASP A 315 -10.40 0.78 -0.05
N GLY A 316 -11.07 1.03 -1.18
CA GLY A 316 -12.29 0.30 -1.51
C GLY A 316 -13.26 1.07 -2.39
N TRP A 317 -14.53 0.71 -2.34
CA TRP A 317 -15.55 1.45 -3.09
C TRP A 317 -16.85 1.70 -2.35
N ALA A 318 -17.59 2.71 -2.81
CA ALA A 318 -18.81 3.17 -2.15
C ALA A 318 -19.90 3.47 -3.17
N ILE A 319 -21.15 3.51 -2.68
CA ILE A 319 -22.31 3.83 -3.51
C ILE A 319 -22.72 5.28 -3.26
N THR A 320 -22.88 6.04 -4.34
CA THR A 320 -23.25 7.45 -4.23
C THR A 320 -24.75 7.63 -4.03
N ALA A 321 -25.14 8.84 -3.62
CA ALA A 321 -26.54 9.20 -3.46
C ALA A 321 -27.28 9.30 -4.79
N THR A 322 -26.54 9.47 -5.88
CA THR A 322 -27.10 9.58 -7.22
C THR A 322 -27.41 8.22 -7.85
N ASN A 323 -26.84 7.16 -7.29
CA ASN A 323 -27.07 5.79 -7.76
C ASN A 323 -28.55 5.42 -7.65
N LYS A 324 -29.17 5.16 -8.80
CA LYS A 324 -30.60 4.83 -8.87
CA LYS A 324 -30.59 4.84 -8.87
C LYS A 324 -30.87 3.35 -8.61
N ASN A 325 -29.80 2.56 -8.57
CA ASN A 325 -29.92 1.11 -8.34
C ASN A 325 -29.05 0.62 -7.17
N PRO A 326 -29.30 1.12 -5.95
CA PRO A 326 -28.46 0.72 -4.80
C PRO A 326 -28.56 -0.76 -4.43
N VAL A 327 -29.72 -1.36 -4.65
CA VAL A 327 -29.92 -2.78 -4.34
C VAL A 327 -29.11 -3.67 -5.29
N GLU A 328 -29.21 -3.38 -6.59
CA GLU A 328 -28.43 -4.11 -7.59
C GLU A 328 -26.93 -3.91 -7.38
N THR A 329 -26.56 -2.70 -6.95
CA THR A 329 -25.15 -2.36 -6.70
C THR A 329 -24.58 -3.14 -5.51
N ILE A 330 -25.33 -3.21 -4.41
CA ILE A 330 -24.86 -3.95 -3.23
C ILE A 330 -24.79 -5.46 -3.49
N LYS A 331 -25.68 -5.96 -4.35
CA LYS A 331 -25.66 -7.37 -4.75
C LYS A 331 -24.43 -7.66 -5.63
N LEU A 332 -24.09 -6.73 -6.51
CA LEU A 332 -22.85 -6.82 -7.29
C LEU A 332 -21.63 -6.81 -6.36
N PHE A 333 -21.65 -5.88 -5.40
CA PHE A 333 -20.60 -5.79 -4.39
C PHE A 333 -20.45 -7.11 -3.62
N ASP A 334 -21.59 -7.75 -3.32
CA ASP A 334 -21.60 -9.00 -2.56
C ASP A 334 -21.05 -10.19 -3.35
N PHE A 335 -21.20 -10.15 -4.67
CA PHE A 335 -20.67 -11.19 -5.55
C PHE A 335 -19.18 -11.41 -5.31
N TYR A 336 -18.45 -10.31 -5.07
CA TYR A 336 -17.02 -10.35 -4.83
C TYR A 336 -16.61 -11.08 -3.57
N PHE A 337 -17.54 -11.21 -2.62
CA PHE A 337 -17.25 -11.89 -1.36
C PHE A 337 -17.75 -13.34 -1.30
N GLY A 338 -18.34 -13.80 -2.40
CA GLY A 338 -18.66 -15.21 -2.59
C GLY A 338 -17.46 -15.94 -3.20
N PRO A 339 -17.50 -17.27 -3.25
CA PRO A 339 -16.34 -18.05 -3.72
C PRO A 339 -15.85 -17.70 -5.14
N LYS A 340 -16.76 -17.66 -6.11
CA LYS A 340 -16.41 -17.38 -7.50
CA LYS A 340 -16.40 -17.39 -7.50
C LYS A 340 -15.89 -15.95 -7.69
N GLY A 341 -16.63 -14.99 -7.13
CA GLY A 341 -16.25 -13.58 -7.23
C GLY A 341 -14.90 -13.30 -6.61
N ARG A 342 -14.63 -13.94 -5.48
CA ARG A 342 -13.34 -13.80 -4.81
C ARG A 342 -12.21 -14.38 -5.67
N GLU A 343 -12.46 -15.52 -6.29
CA GLU A 343 -11.48 -16.17 -7.15
C GLU A 343 -11.10 -15.29 -8.35
N LEU A 344 -12.11 -14.72 -9.01
CA LEU A 344 -11.88 -13.83 -10.17
C LEU A 344 -11.10 -12.58 -9.79
N SER A 345 -11.51 -11.93 -8.70
CA SER A 345 -10.90 -10.69 -8.25
C SER A 345 -9.46 -10.88 -7.79
N ASN A 346 -9.07 -12.14 -7.56
CA ASN A 346 -7.70 -12.49 -7.17
C ASN A 346 -6.84 -13.04 -8.31
N PHE A 347 -7.40 -13.99 -9.06
CA PHE A 347 -6.62 -14.79 -10.01
C PHE A 347 -6.79 -14.36 -11.47
N GLY A 348 -7.85 -13.61 -11.76
CA GLY A 348 -8.14 -13.20 -13.12
C GLY A 348 -9.32 -13.94 -13.74
N VAL A 349 -9.09 -14.62 -14.86
CA VAL A 349 -10.13 -15.31 -15.60
C VAL A 349 -9.72 -16.76 -15.89
N PRO A 350 -10.61 -17.73 -15.56
CA PRO A 350 -10.29 -19.14 -15.81
C PRO A 350 -10.20 -19.46 -17.30
N GLY A 351 -9.16 -20.19 -17.68
CA GLY A 351 -8.86 -20.47 -19.08
C GLY A 351 -7.97 -19.41 -19.70
N LEU A 352 -7.77 -18.30 -18.99
CA LEU A 352 -6.92 -17.21 -19.47
C LEU A 352 -5.62 -17.08 -18.66
N THR A 353 -5.75 -16.81 -17.36
CA THR A 353 -4.59 -16.66 -16.48
C THR A 353 -4.40 -17.85 -15.55
N TYR A 354 -5.49 -18.57 -15.29
CA TYR A 354 -5.45 -19.73 -14.41
C TYR A 354 -6.42 -20.83 -14.86
N ASP A 355 -6.23 -22.02 -14.31
CA ASP A 355 -7.13 -23.14 -14.56
C ASP A 355 -7.52 -23.78 -13.23
N ILE A 356 -8.73 -24.30 -13.17
CA ILE A 356 -9.16 -25.09 -12.02
C ILE A 356 -8.63 -26.51 -12.19
N LYS A 357 -7.66 -26.85 -11.34
CA LYS A 357 -7.08 -28.20 -11.32
CA LYS A 357 -7.10 -28.20 -11.32
C LYS A 357 -7.30 -28.81 -9.94
N ASN A 358 -7.98 -29.95 -9.91
CA ASN A 358 -8.40 -30.60 -8.66
C ASN A 358 -9.16 -29.62 -7.74
N GLY A 359 -10.02 -28.81 -8.37
CA GLY A 359 -10.86 -27.85 -7.67
C GLY A 359 -10.17 -26.60 -7.15
N LYS A 360 -8.86 -26.51 -7.38
CA LYS A 360 -8.06 -25.38 -6.90
CA LYS A 360 -8.05 -25.39 -6.90
C LYS A 360 -7.65 -24.48 -8.06
N PRO A 361 -7.68 -23.15 -7.85
CA PRO A 361 -7.19 -22.27 -8.91
C PRO A 361 -5.67 -22.34 -9.03
N VAL A 362 -5.19 -22.67 -10.22
CA VAL A 362 -3.75 -22.80 -10.47
C VAL A 362 -3.34 -21.91 -11.63
N TYR A 363 -2.45 -20.97 -11.36
CA TYR A 363 -1.91 -20.08 -12.39
C TYR A 363 -1.23 -20.88 -13.49
N LYS A 364 -1.41 -20.43 -14.73
CA LYS A 364 -0.72 -21.02 -15.88
C LYS A 364 0.77 -20.75 -15.78
N ASP A 365 1.58 -21.63 -16.36
CA ASP A 365 3.04 -21.48 -16.38
C ASP A 365 3.46 -20.17 -17.05
N THR A 366 2.71 -19.75 -18.08
CA THR A 366 2.99 -18.50 -18.79
C THR A 366 2.90 -17.28 -17.87
N VAL A 367 2.02 -17.35 -16.87
CA VAL A 367 1.88 -16.30 -15.85
C VAL A 367 3.03 -16.38 -14.85
N LEU A 368 3.31 -17.58 -14.36
CA LEU A 368 4.33 -17.80 -13.33
C LEU A 368 5.76 -17.58 -13.81
N LYS A 369 6.01 -17.86 -15.09
CA LYS A 369 7.34 -17.74 -15.67
CA LYS A 369 7.34 -17.75 -15.68
C LYS A 369 7.55 -16.42 -16.40
N ALA A 370 6.55 -15.53 -16.31
CA ALA A 370 6.62 -14.22 -16.97
C ALA A 370 7.61 -13.28 -16.28
N ALA A 371 8.11 -12.31 -17.04
CA ALA A 371 9.05 -11.31 -16.54
C ALA A 371 8.42 -10.40 -15.49
N GLN A 372 7.14 -10.07 -15.69
CA GLN A 372 6.41 -9.21 -14.77
CA GLN A 372 6.39 -9.21 -14.79
C GLN A 372 5.93 -9.97 -13.55
N PRO A 373 6.03 -9.35 -12.36
CA PRO A 373 5.46 -9.98 -11.16
C PRO A 373 3.97 -10.23 -11.36
N VAL A 374 3.45 -11.30 -10.75
CA VAL A 374 2.07 -11.72 -10.99
C VAL A 374 1.04 -10.65 -10.59
N ASN A 375 1.30 -9.91 -9.51
CA ASN A 375 0.39 -8.83 -9.14
C ASN A 375 0.28 -7.73 -10.21
N ASN A 376 1.41 -7.39 -10.84
CA ASN A 376 1.42 -6.49 -11.99
C ASN A 376 0.56 -7.04 -13.14
N GLN A 377 0.70 -8.33 -13.41
CA GLN A 377 -0.08 -9.02 -14.44
C GLN A 377 -1.57 -8.97 -14.11
N MET A 378 -1.89 -9.08 -12.83
CA MET A 378 -3.29 -9.01 -12.37
C MET A 378 -3.87 -7.62 -12.57
N TYR A 379 -3.11 -6.57 -12.23
CA TYR A 379 -3.56 -5.19 -12.42
C TYR A 379 -3.99 -4.94 -13.86
N ASP A 380 -3.20 -5.49 -14.80
CA ASP A 380 -3.40 -5.28 -16.23
C ASP A 380 -4.74 -5.80 -16.75
N ILE A 381 -5.32 -6.77 -16.03
CA ILE A 381 -6.59 -7.38 -16.44
C ILE A 381 -7.74 -7.13 -15.46
N GLY A 382 -7.49 -6.32 -14.43
CA GLY A 382 -8.54 -5.93 -13.48
C GLY A 382 -8.66 -6.75 -12.21
N ALA A 383 -7.62 -7.52 -11.90
CA ALA A 383 -7.55 -8.27 -10.64
C ALA A 383 -6.56 -7.61 -9.71
N GLN A 384 -6.67 -7.92 -8.41
CA GLN A 384 -5.82 -7.31 -7.36
C GLN A 384 -5.90 -5.78 -7.35
N ILE A 385 -7.07 -5.26 -7.69
CA ILE A 385 -7.31 -3.82 -7.71
C ILE A 385 -8.05 -3.38 -6.44
N PRO A 386 -7.82 -2.15 -5.96
CA PRO A 386 -8.33 -1.71 -4.65
C PRO A 386 -9.83 -1.38 -4.62
N ILE A 387 -10.64 -2.30 -5.15
CA ILE A 387 -12.09 -2.27 -4.96
C ILE A 387 -12.42 -2.92 -3.61
N GLY A 388 -13.72 -3.04 -3.31
CA GLY A 388 -14.15 -3.85 -2.18
C GLY A 388 -14.00 -5.31 -2.56
N PHE A 389 -12.90 -5.92 -2.13
CA PHE A 389 -12.65 -7.33 -2.40
C PHE A 389 -11.79 -7.98 -1.32
N TRP A 390 -11.88 -9.30 -1.24
CA TRP A 390 -11.17 -10.06 -0.24
C TRP A 390 -10.01 -10.81 -0.89
N GLN A 391 -8.80 -10.32 -0.64
CA GLN A 391 -7.59 -10.95 -1.16
C GLN A 391 -7.45 -12.36 -0.62
N ASP A 392 -6.87 -13.24 -1.43
CA ASP A 392 -6.67 -14.64 -1.07
C ASP A 392 -5.18 -14.92 -1.20
N TYR A 393 -4.52 -15.19 -0.06
CA TYR A 393 -3.07 -15.41 -0.05
C TYR A 393 -2.62 -16.58 -0.94
N GLU A 394 -3.53 -17.50 -1.25
CA GLU A 394 -3.20 -18.61 -2.14
CA GLU A 394 -3.23 -18.62 -2.16
C GLU A 394 -2.75 -18.11 -3.51
N TYR A 395 -3.26 -16.96 -3.93
CA TYR A 395 -2.84 -16.34 -5.20
C TYR A 395 -1.36 -15.97 -5.11
N GLU A 396 -0.95 -15.49 -3.93
CA GLU A 396 0.39 -14.97 -3.70
C GLU A 396 1.40 -16.10 -3.49
N ARG A 397 0.98 -17.14 -2.75
CA ARG A 397 1.84 -18.27 -2.46
CA ARG A 397 1.83 -18.29 -2.45
C ARG A 397 2.40 -18.90 -3.74
N GLN A 398 1.58 -18.95 -4.79
CA GLN A 398 1.96 -19.57 -6.05
C GLN A 398 3.14 -18.91 -6.78
N TRP A 399 3.36 -17.62 -6.52
CA TRP A 399 4.49 -16.92 -7.11
C TRP A 399 5.48 -16.36 -6.09
N THR A 400 5.42 -16.88 -4.87
CA THR A 400 6.39 -16.57 -3.83
C THR A 400 7.48 -17.65 -3.90
N ASN A 401 8.64 -17.29 -4.43
CA ASN A 401 9.73 -18.25 -4.60
C ASN A 401 10.40 -18.59 -3.28
N ASP A 402 11.34 -19.55 -3.31
CA ASP A 402 11.99 -20.02 -2.09
C ASP A 402 12.76 -18.94 -1.36
N VAL A 403 13.41 -18.04 -2.11
CA VAL A 403 14.12 -16.89 -1.54
C VAL A 403 13.15 -16.00 -0.75
N ALA A 404 11.99 -15.72 -1.35
CA ALA A 404 10.95 -14.92 -0.70
C ALA A 404 10.35 -15.64 0.51
N LEU A 405 9.99 -16.92 0.33
CA LEU A 405 9.41 -17.73 1.40
C LEU A 405 10.30 -17.79 2.63
N GLN A 406 11.60 -17.99 2.41
CA GLN A 406 12.56 -18.10 3.50
C GLN A 406 12.78 -16.77 4.21
N GLY A 407 12.68 -15.68 3.45
CA GLY A 407 12.72 -14.33 4.02
C GLY A 407 11.52 -14.02 4.90
N ILE A 408 10.33 -14.36 4.38
CA ILE A 408 9.08 -14.25 5.14
C ILE A 408 9.18 -15.04 6.44
N ASP A 409 9.63 -16.29 6.34
CA ASP A 409 9.78 -17.16 7.50
C ASP A 409 10.77 -16.61 8.52
N MET A 410 11.87 -16.02 8.05
CA MET A 410 12.85 -15.39 8.92
C MET A 410 12.22 -14.26 9.73
N TYR A 411 11.49 -13.38 9.03
CA TYR A 411 10.85 -12.23 9.66
C TYR A 411 9.79 -12.62 10.68
N ILE A 412 9.00 -13.65 10.35
CA ILE A 412 7.98 -14.17 11.27
C ILE A 412 8.62 -14.79 12.52
N LYS A 413 9.61 -15.66 12.29
CA LYS A 413 10.31 -16.37 13.35
CA LYS A 413 10.31 -16.37 13.36
C LYS A 413 11.00 -15.43 14.34
N ASN A 414 11.70 -14.43 13.81
CA ASN A 414 12.50 -13.52 14.63
C ASN A 414 11.75 -12.29 15.16
N LYS A 415 10.47 -12.20 14.81
CA LYS A 415 9.57 -11.18 15.34
CA LYS A 415 9.56 -11.17 15.31
C LYS A 415 10.06 -9.73 15.12
N TYR A 416 10.57 -9.44 13.92
CA TYR A 416 11.06 -8.10 13.61
C TYR A 416 9.95 -7.06 13.51
N VAL A 417 8.75 -7.51 13.11
CA VAL A 417 7.63 -6.61 12.85
C VAL A 417 7.12 -5.94 14.13
N LEU A 418 7.14 -4.60 14.12
CA LEU A 418 6.65 -3.80 15.24
C LEU A 418 5.14 -3.91 15.35
N PRO A 419 4.60 -3.84 16.58
CA PRO A 419 3.15 -3.77 16.75
C PRO A 419 2.57 -2.63 15.92
N GLN A 420 1.51 -2.92 15.17
CA GLN A 420 0.92 -1.96 14.24
C GLN A 420 -0.19 -1.15 14.89
N PHE A 421 -0.33 0.10 14.45
CA PHE A 421 -1.39 0.98 14.93
C PHE A 421 -2.72 0.60 14.27
N THR A 422 -3.71 0.28 15.10
CA THR A 422 -5.02 -0.18 14.63
C THR A 422 -6.09 0.92 14.69
N GLY A 423 -5.66 2.15 14.94
CA GLY A 423 -6.56 3.29 14.93
C GLY A 423 -7.25 3.57 16.25
N VAL A 424 -7.87 4.75 16.33
CA VAL A 424 -8.71 5.10 17.47
C VAL A 424 -10.13 5.39 16.99
N ASN A 425 -11.10 5.29 17.89
CA ASN A 425 -12.49 5.52 17.55
C ASN A 425 -12.91 6.97 17.84
N LEU A 426 -12.90 7.79 16.79
CA LEU A 426 -13.25 9.20 16.91
C LEU A 426 -14.76 9.40 16.93
N THR A 427 -15.20 10.46 17.62
CA THR A 427 -16.59 10.89 17.56
C THR A 427 -16.78 11.75 16.31
N VAL A 428 -18.03 12.09 15.99
CA VAL A 428 -18.33 12.90 14.81
C VAL A 428 -17.63 14.27 14.84
N GLU A 429 -17.70 14.95 15.98
CA GLU A 429 -17.08 16.28 16.12
C GLU A 429 -15.56 16.22 16.18
N GLU A 430 -15.02 15.10 16.69
CA GLU A 430 -13.57 14.86 16.67
C GLU A 430 -13.10 14.62 15.24
N ARG A 431 -13.91 13.90 14.47
CA ARG A 431 -13.61 13.60 13.07
C ARG A 431 -13.69 14.84 12.18
N GLU A 432 -14.52 15.81 12.57
CA GLU A 432 -14.61 17.07 11.82
C GLU A 432 -13.29 17.84 11.89
N ILE A 433 -12.69 17.87 13.08
CA ILE A 433 -11.36 18.47 13.27
C ILE A 433 -10.32 17.70 12.47
N TYR A 434 -10.41 16.36 12.55
CA TYR A 434 -9.53 15.46 11.80
C TYR A 434 -9.60 15.71 10.29
N ASP A 435 -10.82 15.76 9.74
CA ASP A 435 -11.01 15.95 8.30
C ASP A 435 -10.66 17.37 7.83
N LYS A 436 -10.82 18.35 8.71
CA LYS A 436 -10.52 19.74 8.37
C LYS A 436 -9.03 19.99 8.19
N TYR A 437 -8.22 19.50 9.13
CA TYR A 437 -6.80 19.84 9.17
C TYR A 437 -5.85 18.76 8.66
N TRP A 438 -6.15 17.50 8.97
CA TRP A 438 -5.17 16.42 8.76
C TRP A 438 -4.65 16.19 7.34
N PRO A 439 -5.54 16.13 6.33
CA PRO A 439 -5.04 15.93 4.97
C PRO A 439 -4.02 16.99 4.53
N ASP A 440 -4.28 18.27 4.86
CA ASP A 440 -3.37 19.36 4.50
C ASP A 440 -2.09 19.36 5.32
N VAL A 441 -2.17 18.91 6.57
CA VAL A 441 -0.99 18.77 7.42
C VAL A 441 -0.06 17.68 6.87
N LYS A 442 -0.66 16.55 6.48
CA LYS A 442 0.09 15.42 5.93
CA LYS A 442 0.09 15.42 5.93
C LYS A 442 0.83 15.81 4.64
N THR A 443 0.15 16.59 3.79
CA THR A 443 0.77 17.08 2.55
C THR A 443 1.97 17.97 2.89
N TYR A 444 1.79 18.86 3.86
CA TYR A 444 2.86 19.76 4.33
C TYR A 444 4.03 18.98 4.93
N MET A 445 3.72 17.97 5.74
CA MET A 445 4.75 17.12 6.35
C MET A 445 5.59 16.40 5.30
N PHE A 446 4.93 15.91 4.25
CA PHE A 446 5.63 15.25 3.14
C PHE A 446 6.58 16.22 2.45
N GLU A 447 6.08 17.42 2.15
CA GLU A 447 6.88 18.46 1.50
C GLU A 447 8.11 18.83 2.31
N MET A 448 7.92 18.99 3.63
CA MET A 448 9.02 19.30 4.53
C MET A 448 10.02 18.16 4.59
N GLY A 449 9.50 16.93 4.69
CA GLY A 449 10.32 15.73 4.67
C GLY A 449 11.21 15.64 3.44
N GLN A 450 10.61 15.85 2.27
CA GLN A 450 11.36 15.85 1.01
C GLN A 450 12.43 16.94 1.00
N SER A 451 12.08 18.13 1.47
CA SER A 451 13.03 19.25 1.55
C SER A 451 14.22 18.94 2.44
N TRP A 452 13.97 18.27 3.57
CA TRP A 452 15.03 17.89 4.49
C TRP A 452 15.95 16.82 3.91
N VAL A 453 15.35 15.81 3.28
CA VAL A 453 16.12 14.73 2.65
C VAL A 453 17.02 15.27 1.53
N MET A 454 16.45 16.11 0.68
CA MET A 454 17.17 16.66 -0.48
C MET A 454 18.11 17.81 -0.12
N GLY A 455 18.02 18.31 1.11
CA GLY A 455 18.93 19.33 1.60
C GLY A 455 18.58 20.76 1.23
N THR A 456 17.38 20.96 0.68
CA THR A 456 16.91 22.31 0.35
C THR A 456 16.48 23.06 1.61
N LYS A 457 16.17 22.31 2.66
CA LYS A 457 15.90 22.87 3.98
C LYS A 457 16.69 22.09 5.03
N ASP A 458 17.26 22.82 6.00
CA ASP A 458 18.00 22.21 7.10
C ASP A 458 17.03 21.89 8.24
N PRO A 459 16.89 20.59 8.59
CA PRO A 459 15.94 20.18 9.64
C PRO A 459 16.18 20.82 11.00
N GLU A 460 17.44 21.02 11.38
CA GLU A 460 17.77 21.66 12.64
C GLU A 460 17.36 23.13 12.65
N LYS A 461 17.70 23.83 11.58
CA LYS A 461 17.42 25.26 11.45
C LYS A 461 15.94 25.57 11.28
N THR A 462 15.22 24.68 10.60
CA THR A 462 13.81 24.93 10.25
C THR A 462 12.80 24.30 11.22
N TRP A 463 13.27 23.57 12.23
CA TRP A 463 12.40 22.83 13.13
C TRP A 463 11.38 23.70 13.90
N ASN A 464 11.84 24.85 14.40
CA ASN A 464 10.95 25.76 15.13
C ASN A 464 9.86 26.35 14.24
N ASP A 465 10.24 26.76 13.03
CA ASP A 465 9.29 27.24 12.02
C ASP A 465 8.30 26.14 11.64
N TYR A 466 8.83 24.93 11.46
CA TYR A 466 8.03 23.75 11.13
C TYR A 466 6.99 23.47 12.20
N GLN A 467 7.41 23.50 13.47
CA GLN A 467 6.51 23.26 14.60
C GLN A 467 5.44 24.34 14.73
N GLN A 468 5.82 25.59 14.44
CA GLN A 468 4.87 26.71 14.43
C GLN A 468 3.84 26.51 13.32
N GLN A 469 4.31 26.08 12.16
CA GLN A 469 3.43 25.80 11.02
C GLN A 469 2.46 24.64 11.30
N LEU A 470 2.95 23.61 11.97
CA LEU A 470 2.09 22.49 12.39
C LEU A 470 0.93 22.99 13.25
N LYS A 471 1.23 23.86 14.21
CA LYS A 471 0.22 24.47 15.07
C LYS A 471 -0.76 25.33 14.25
N ASN A 472 -0.22 26.19 13.40
CA ASN A 472 -1.03 27.07 12.54
C ASN A 472 -1.92 26.32 11.57
N ARG A 473 -1.48 25.14 11.14
CA ARG A 473 -2.23 24.32 10.20
C ARG A 473 -3.17 23.33 10.91
N GLY A 474 -3.22 23.41 12.23
CA GLY A 474 -4.20 22.66 13.03
C GLY A 474 -3.78 21.27 13.46
N PHE A 475 -2.50 20.93 13.28
CA PHE A 475 -2.00 19.60 13.63
C PHE A 475 -2.19 19.26 15.11
N TYR A 476 -1.96 20.24 15.98
CA TYR A 476 -2.07 19.99 17.41
C TYR A 476 -3.50 19.90 17.92
N GLN A 477 -4.44 20.47 17.14
CA GLN A 477 -5.87 20.26 17.41
CA GLN A 477 -5.87 20.27 17.40
C GLN A 477 -6.24 18.83 17.07
N VAL A 478 -5.65 18.29 16.00
CA VAL A 478 -5.83 16.90 15.60
C VAL A 478 -5.25 15.97 16.66
N MET A 479 -4.06 16.32 17.17
CA MET A 479 -3.40 15.52 18.20
C MET A 479 -4.20 15.43 19.49
N ILE A 480 -4.85 16.53 19.87
CA ILE A 480 -5.68 16.58 21.07
C ILE A 480 -6.87 15.62 20.96
N VAL A 481 -7.56 15.62 19.82
CA VAL A 481 -8.70 14.71 19.61
C VAL A 481 -8.27 13.24 19.48
N MET A 482 -7.10 13.01 18.89
CA MET A 482 -6.56 11.66 18.76
C MET A 482 -6.29 11.05 20.14
N GLN A 483 -5.66 11.83 21.01
CA GLN A 483 -5.37 11.41 22.39
C GLN A 483 -6.66 11.26 23.19
N LYS A 484 -7.59 12.18 22.99
CA LYS A 484 -8.91 12.13 23.63
C LYS A 484 -9.64 10.84 23.30
N ALA A 485 -9.61 10.45 22.03
CA ALA A 485 -10.23 9.22 21.56
C ALA A 485 -9.52 7.97 22.09
N TYR A 486 -8.19 8.05 22.21
CA TYR A 486 -7.40 6.95 22.76
C TYR A 486 -7.73 6.72 24.24
N ASP A 487 -7.76 7.80 25.01
CA ASP A 487 -8.04 7.74 26.45
C ASP A 487 -9.45 7.23 26.75
N ARG A 488 -10.40 7.58 25.88
CA ARG A 488 -11.78 7.11 26.00
C ARG A 488 -11.88 5.60 25.74
N GLN A 489 -11.12 5.13 24.76
CA GLN A 489 -11.12 3.71 24.38
C GLN A 489 -10.31 2.86 25.36
N TYR A 490 -9.13 3.36 25.75
CA TYR A 490 -8.24 2.63 26.65
C TYR A 490 -8.04 3.38 27.97
#